data_6I2Y
#
_entry.id   6I2Y
#
_cell.length_a   50.930
_cell.length_b   95.330
_cell.length_c   132.860
_cell.angle_alpha   90.000
_cell.angle_beta   90.000
_cell.angle_gamma   90.000
#
_symmetry.space_group_name_H-M   'P 21 21 21'
#
loop_
_entity.id
_entity.type
_entity.pdbx_description
1 polymer 'Serine/threonine-protein kinase 10'
2 non-polymer "N-(3-fluoro-4-{[6-methoxy-7-(3-morpholin-4-ylpropoxy)quinolin-4-yl]oxy}phenyl)-N'-(4-fluorophenyl)cyclopropane-1,1-dicarboxamide"
#
_entity_poly.entity_id   1
_entity_poly.type   'polypeptide(L)'
_entity_poly.pdbx_seq_one_letter_code
;SMRKSREYEHVRRDLDPNEVWEIVGELGDGAFGKVYKAKNKETGALAAAKVIETKSEEELEDYIVEIEILATCDHPYIVK
LLGAYYHDGKLWIMIEFCPGGAVDAIMLELDRGLTEPQIQVVCRQMLEALNFLHSKRIIHRDLKAGNVLMTLEGDIRLAD
FGVSAKNLKTLQKRDSFIGTPYWMAPEVVMCETMKDTPYDYKADIWSLGITLIEMAQIEPPHHELNPMRVLLKIAKSDPP
TLLTPSKWSVEFRDFLAIALDKNPETRPSAAQLLEHPFVSSITSNKALRELVAEAKAEVMEE
;
_entity_poly.pdbx_strand_id   A,B
#
loop_
_chem_comp.id
_chem_comp.type
_chem_comp.name
_chem_comp.formula
88Z non-polymer N-(3-fluoro-4-{[6-methoxy-7-(3-morpholin-4-ylpropoxy)quinolin-4-yl]oxy}phenyl)-N'-(4-fluorophenyl)cyclopropane-1,1-dicarboxamide 'C34 H34 F2 N4 O6'
#
# COMPACT_ATOMS: atom_id res chain seq x y z
N GLU A 9 5.51 29.36 1.85
CA GLU A 9 4.50 30.19 1.18
C GLU A 9 3.67 29.34 0.22
N HIS A 10 2.44 29.78 -0.03
CA HIS A 10 1.55 29.07 -0.94
C HIS A 10 1.95 29.33 -2.38
N VAL A 11 1.71 28.33 -3.24
CA VAL A 11 2.22 28.38 -4.61
C VAL A 11 1.49 29.47 -5.39
N ARG A 12 2.27 30.44 -5.88
CA ARG A 12 1.75 31.50 -6.75
C ARG A 12 1.45 30.94 -8.14
N ARG A 13 0.27 31.23 -8.66
CA ARG A 13 -0.13 30.68 -9.95
C ARG A 13 -0.50 31.74 -10.98
N ASP A 14 -0.30 33.03 -10.68
CA ASP A 14 -0.62 34.09 -11.62
C ASP A 14 0.53 35.08 -11.79
N LEU A 15 1.71 34.78 -11.25
CA LEU A 15 2.87 35.64 -11.33
C LEU A 15 4.00 34.84 -11.96
N ASP A 16 4.62 35.41 -12.99
CA ASP A 16 5.72 34.74 -13.66
C ASP A 16 6.97 34.73 -12.79
N PRO A 17 7.64 33.58 -12.62
CA PRO A 17 8.81 33.54 -11.74
C PRO A 17 9.96 34.37 -12.25
N ASN A 18 10.03 34.60 -13.57
CA ASN A 18 11.16 35.31 -14.16
C ASN A 18 11.31 36.71 -13.57
N GLU A 19 10.20 37.33 -13.18
CA GLU A 19 10.27 38.64 -12.54
C GLU A 19 11.04 38.56 -11.23
N VAL A 20 10.82 37.49 -10.46
CA VAL A 20 11.41 37.38 -9.13
C VAL A 20 12.86 36.93 -9.20
N TRP A 21 13.16 35.92 -10.02
CA TRP A 21 14.48 35.30 -10.02
C TRP A 21 15.08 35.32 -11.43
N GLU A 22 16.40 35.25 -11.48
CA GLU A 22 17.15 35.19 -12.73
C GLU A 22 18.07 33.98 -12.70
N ILE A 23 17.98 33.15 -13.74
CA ILE A 23 18.78 31.93 -13.81
C ILE A 23 20.25 32.29 -14.09
N VAL A 24 21.15 31.62 -13.37
CA VAL A 24 22.58 31.90 -13.47
C VAL A 24 23.39 30.63 -13.70
N GLY A 25 22.75 29.47 -13.78
CA GLY A 25 23.49 28.25 -14.05
C GLY A 25 22.59 27.03 -14.00
N GLU A 26 23.18 25.88 -14.33
CA GLU A 26 22.54 24.57 -14.23
C GLU A 26 23.36 23.70 -13.29
N LEU A 27 22.71 23.10 -12.30
CA LEU A 27 23.43 22.25 -11.36
C LEU A 27 23.38 20.78 -11.72
N GLY A 28 22.29 20.30 -12.30
CA GLY A 28 22.29 18.93 -12.76
C GLY A 28 21.16 18.55 -13.72
N ASP A 29 21.50 17.88 -14.82
CA ASP A 29 20.53 17.23 -15.67
C ASP A 29 20.32 15.83 -15.13
N GLY A 30 19.11 15.56 -14.62
CA GLY A 30 18.90 14.44 -13.74
C GLY A 30 17.60 13.73 -14.05
N ALA A 31 17.41 12.57 -13.42
CA ALA A 31 16.19 11.80 -13.60
C ALA A 31 14.98 12.60 -13.16
N PHE A 32 15.09 13.34 -12.05
CA PHE A 32 13.99 14.18 -11.59
C PHE A 32 13.66 15.27 -12.60
N GLY A 33 14.68 15.85 -13.23
CA GLY A 33 14.46 16.91 -14.19
C GLY A 33 15.64 17.86 -14.21
N LYS A 34 15.38 19.07 -14.70
CA LYS A 34 16.39 20.10 -14.78
C LYS A 34 16.37 20.95 -13.51
N VAL A 35 17.56 21.22 -12.97
CA VAL A 35 17.71 22.02 -11.76
C VAL A 35 18.65 23.17 -12.09
N TYR A 36 18.20 24.40 -11.86
CA TYR A 36 18.96 25.60 -12.16
C TYR A 36 19.43 26.27 -10.89
N LYS A 37 20.43 27.13 -11.05
CA LYS A 37 20.92 28.00 -10.00
C LYS A 37 20.36 29.39 -10.25
N ALA A 38 19.73 29.97 -9.23
CA ALA A 38 19.01 31.21 -9.41
C ALA A 38 19.40 32.22 -8.35
N LYS A 39 19.21 33.49 -8.68
CA LYS A 39 19.48 34.61 -7.81
C LYS A 39 18.26 35.51 -7.80
N ASN A 40 17.91 36.03 -6.62
CA ASN A 40 16.75 36.89 -6.52
C ASN A 40 17.10 38.26 -7.06
N LYS A 41 16.26 38.77 -7.97
CA LYS A 41 16.56 40.05 -8.60
C LYS A 41 16.67 41.17 -7.59
N GLU A 42 15.90 41.09 -6.49
CA GLU A 42 15.95 42.13 -5.48
C GLU A 42 17.12 41.92 -4.51
N THR A 43 17.13 40.79 -3.80
CA THR A 43 18.10 40.58 -2.73
C THR A 43 19.30 39.72 -3.12
N GLY A 44 19.21 38.93 -4.18
CA GLY A 44 20.35 38.12 -4.57
C GLY A 44 20.73 37.05 -3.58
N ALA A 45 19.78 36.49 -2.84
CA ALA A 45 20.08 35.54 -1.77
C ALA A 45 20.50 34.17 -2.27
N LEU A 46 20.46 33.91 -3.58
CA LEU A 46 20.80 32.61 -4.18
C LEU A 46 19.84 31.50 -3.78
N ALA A 47 19.51 30.62 -4.72
CA ALA A 47 18.61 29.51 -4.48
C ALA A 47 18.79 28.49 -5.59
N ALA A 48 18.10 27.34 -5.43
CA ALA A 48 18.06 26.31 -6.46
C ALA A 48 16.62 26.19 -6.94
N ALA A 49 16.43 26.13 -8.26
CA ALA A 49 15.11 26.07 -8.86
C ALA A 49 14.90 24.71 -9.51
N LYS A 50 13.95 23.95 -9.00
CA LYS A 50 13.59 22.66 -9.58
C LYS A 50 12.36 22.87 -10.46
N VAL A 51 12.55 22.77 -11.76
CA VAL A 51 11.51 23.06 -12.74
C VAL A 51 11.03 21.75 -13.33
N ILE A 52 9.71 21.52 -13.27
CA ILE A 52 9.10 20.30 -13.76
C ILE A 52 7.94 20.69 -14.66
N GLU A 53 7.78 19.98 -15.78
CA GLU A 53 6.63 20.18 -16.64
C GLU A 53 5.65 19.06 -16.31
N THR A 54 4.60 19.40 -15.58
CA THR A 54 3.63 18.43 -15.12
C THR A 54 2.87 17.84 -16.31
N LYS A 55 2.91 16.51 -16.44
CA LYS A 55 2.29 15.88 -17.61
C LYS A 55 0.78 15.99 -17.56
N SER A 56 0.19 15.66 -16.41
CA SER A 56 -1.26 15.60 -16.28
C SER A 56 -1.73 16.65 -15.27
N GLU A 57 -3.00 16.54 -14.89
CA GLU A 57 -3.55 17.35 -13.80
C GLU A 57 -3.34 16.70 -12.44
N GLU A 58 -3.41 15.36 -12.38
CA GLU A 58 -3.12 14.68 -11.13
C GLU A 58 -1.63 14.63 -10.81
N GLU A 59 -0.76 14.77 -11.82
CA GLU A 59 0.67 14.85 -11.54
C GLU A 59 0.98 16.11 -10.75
N LEU A 60 0.44 17.25 -11.20
CA LEU A 60 0.59 18.50 -10.47
C LEU A 60 0.02 18.41 -9.06
N GLU A 61 -1.16 17.83 -8.92
CA GLU A 61 -1.81 17.75 -7.62
C GLU A 61 -0.99 16.93 -6.64
N ASP A 62 -0.29 15.90 -7.11
CA ASP A 62 0.59 15.15 -6.23
C ASP A 62 1.78 15.99 -5.78
N TYR A 63 2.35 16.79 -6.69
CA TYR A 63 3.55 17.56 -6.36
C TYR A 63 3.24 18.72 -5.43
N ILE A 64 2.08 19.38 -5.61
CA ILE A 64 1.76 20.52 -4.76
C ILE A 64 1.56 20.08 -3.31
N VAL A 65 1.00 18.89 -3.09
CA VAL A 65 0.89 18.35 -1.74
C VAL A 65 2.27 18.10 -1.16
N GLU A 66 3.21 17.64 -1.99
CA GLU A 66 4.57 17.41 -1.53
C GLU A 66 5.21 18.71 -1.05
N ILE A 67 4.97 19.81 -1.78
CA ILE A 67 5.51 21.10 -1.39
C ILE A 67 4.92 21.53 -0.05
N GLU A 68 3.62 21.32 0.14
CA GLU A 68 2.97 21.71 1.39
C GLU A 68 3.53 20.92 2.57
N ILE A 69 3.93 19.66 2.34
CA ILE A 69 4.61 18.88 3.37
C ILE A 69 5.90 19.57 3.79
N LEU A 70 6.71 19.96 2.80
CA LEU A 70 7.98 20.62 3.08
C LEU A 70 7.78 21.97 3.74
N ALA A 71 6.68 22.65 3.43
CA ALA A 71 6.41 23.96 4.03
C ALA A 71 6.31 23.88 5.56
N THR A 72 5.86 22.75 6.09
CA THR A 72 5.72 22.57 7.53
C THR A 72 6.94 21.96 8.21
N CYS A 73 7.93 21.52 7.42
CA CYS A 73 9.11 20.87 7.98
C CYS A 73 10.20 21.92 8.23
N ASP A 74 9.95 22.76 9.23
CA ASP A 74 10.86 23.84 9.60
C ASP A 74 11.82 23.31 10.65
N HIS A 75 13.04 22.95 10.22
CA HIS A 75 14.05 22.39 11.09
C HIS A 75 15.42 22.78 10.55
N PRO A 76 16.42 22.94 11.41
CA PRO A 76 17.75 23.35 10.92
C PRO A 76 18.38 22.40 9.91
N TYR A 77 18.17 21.10 10.04
CA TYR A 77 18.84 20.12 9.19
C TYR A 77 18.01 19.69 7.98
N ILE A 78 17.01 20.49 7.60
CA ILE A 78 16.16 20.18 6.46
C ILE A 78 16.17 21.37 5.51
N VAL A 79 16.15 21.09 4.20
CA VAL A 79 16.20 22.16 3.22
C VAL A 79 15.01 23.09 3.41
N LYS A 80 15.25 24.38 3.21
CA LYS A 80 14.23 25.40 3.41
C LYS A 80 13.53 25.72 2.09
N LEU A 81 12.20 25.85 2.15
CA LEU A 81 11.40 26.20 0.99
C LEU A 81 11.25 27.72 0.95
N LEU A 82 11.52 28.30 -0.22
CA LEU A 82 11.47 29.75 -0.40
C LEU A 82 10.28 30.22 -1.20
N GLY A 83 9.86 29.48 -2.21
CA GLY A 83 8.70 29.83 -3.00
C GLY A 83 8.33 28.71 -3.94
N ALA A 84 7.13 28.83 -4.50
CA ALA A 84 6.64 27.87 -5.49
C ALA A 84 5.75 28.61 -6.48
N TYR A 85 6.01 28.42 -7.77
CA TYR A 85 5.25 29.08 -8.83
C TYR A 85 4.87 28.06 -9.90
N TYR A 86 3.78 28.34 -10.60
CA TYR A 86 3.32 27.51 -11.71
C TYR A 86 2.86 28.44 -12.83
N HIS A 87 3.69 28.60 -13.85
CA HIS A 87 3.33 29.40 -15.01
C HIS A 87 3.91 28.76 -16.27
N ASP A 88 3.24 29.00 -17.40
CA ASP A 88 3.63 28.45 -18.69
C ASP A 88 3.77 26.93 -18.63
N GLY A 89 2.81 26.29 -17.97
CA GLY A 89 2.77 24.84 -17.89
C GLY A 89 3.88 24.19 -17.11
N LYS A 90 4.71 24.96 -16.40
CA LYS A 90 5.83 24.42 -15.65
C LYS A 90 5.69 24.75 -14.16
N LEU A 91 6.22 23.86 -13.33
CA LEU A 91 6.16 23.98 -11.88
C LEU A 91 7.54 24.31 -11.32
N TRP A 92 7.64 25.42 -10.60
CA TRP A 92 8.90 25.89 -10.02
C TRP A 92 8.92 25.63 -8.53
N ILE A 93 10.06 25.17 -8.03
CA ILE A 93 10.28 24.96 -6.60
C ILE A 93 11.54 25.71 -6.21
N MET A 94 11.41 26.60 -5.23
CA MET A 94 12.53 27.43 -4.78
C MET A 94 13.06 26.90 -3.45
N ILE A 95 14.36 26.58 -3.41
CA ILE A 95 14.97 26.01 -2.22
C ILE A 95 16.30 26.68 -1.95
N GLU A 96 16.62 26.84 -0.66
CA GLU A 96 17.84 27.51 -0.24
C GLU A 96 19.07 26.82 -0.83
N PHE A 97 19.96 27.61 -1.41
CA PHE A 97 21.14 27.09 -2.09
C PHE A 97 22.12 26.49 -1.08
N CYS A 98 22.48 25.23 -1.30
CA CYS A 98 23.45 24.53 -0.46
C CYS A 98 24.77 24.37 -1.21
N PRO A 99 25.81 25.14 -0.88
CA PRO A 99 27.02 25.13 -1.71
C PRO A 99 27.75 23.80 -1.72
N GLY A 100 27.70 23.03 -0.63
CA GLY A 100 28.39 21.75 -0.61
C GLY A 100 27.87 20.75 -1.63
N GLY A 101 26.56 20.76 -1.87
CA GLY A 101 25.96 19.81 -2.78
C GLY A 101 25.72 18.48 -2.10
N ALA A 102 25.22 17.53 -2.87
CA ALA A 102 24.97 16.21 -2.33
C ALA A 102 26.29 15.51 -2.02
N VAL A 103 26.29 14.70 -0.95
CA VAL A 103 27.54 14.06 -0.53
C VAL A 103 27.98 13.01 -1.54
N ASP A 104 27.04 12.37 -2.24
CA ASP A 104 27.44 11.39 -3.25
C ASP A 104 28.20 12.06 -4.39
N ALA A 105 27.78 13.28 -4.74
CA ALA A 105 28.55 14.04 -5.72
C ALA A 105 29.91 14.43 -5.17
N ILE A 106 29.98 14.70 -3.86
CA ILE A 106 31.25 15.03 -3.23
C ILE A 106 32.20 13.84 -3.25
N MET A 107 31.68 12.64 -2.91
CA MET A 107 32.52 11.44 -2.91
C MET A 107 33.10 11.17 -4.29
N LEU A 108 32.31 11.42 -5.35
CA LEU A 108 32.83 11.22 -6.71
C LEU A 108 33.91 12.24 -7.04
N GLU A 109 33.67 13.51 -6.71
CA GLU A 109 34.66 14.55 -7.02
C GLU A 109 35.95 14.34 -6.26
N LEU A 110 35.86 13.90 -5.00
CA LEU A 110 37.06 13.62 -4.22
C LEU A 110 37.62 12.23 -4.48
N ASP A 111 36.83 11.35 -5.10
CA ASP A 111 37.23 9.99 -5.43
C ASP A 111 37.70 9.24 -4.18
N ARG A 112 36.93 9.39 -3.09
CA ARG A 112 37.18 8.64 -1.87
C ARG A 112 35.94 8.72 -1.00
N GLY A 113 35.87 7.83 0.00
CA GLY A 113 34.78 7.83 0.95
C GLY A 113 35.02 8.73 2.15
N LEU A 114 33.96 8.94 2.91
CA LEU A 114 34.03 9.77 4.11
C LEU A 114 34.70 9.01 5.26
N THR A 115 35.30 9.76 6.17
CA THR A 115 35.92 9.18 7.35
C THR A 115 34.87 8.92 8.43
N GLU A 116 35.24 8.07 9.38
CA GLU A 116 34.34 7.77 10.49
C GLU A 116 33.95 9.01 11.30
N PRO A 117 34.86 9.94 11.62
CA PRO A 117 34.39 11.19 12.25
C PRO A 117 33.42 11.96 11.38
N GLN A 118 33.66 12.01 10.06
CA GLN A 118 32.72 12.70 9.18
C GLN A 118 31.38 11.98 9.13
N ILE A 119 31.39 10.64 9.15
CA ILE A 119 30.13 9.90 9.17
C ILE A 119 29.38 10.16 10.47
N GLN A 120 30.11 10.20 11.59
CA GLN A 120 29.47 10.45 12.89
C GLN A 120 28.71 11.77 12.89
N VAL A 121 29.30 12.83 12.33
CA VAL A 121 28.61 14.11 12.25
C VAL A 121 27.37 13.99 11.36
N VAL A 122 27.53 13.37 10.19
CA VAL A 122 26.40 13.17 9.29
C VAL A 122 25.34 12.31 9.97
N CYS A 123 25.77 11.22 10.62
CA CYS A 123 24.82 10.32 11.28
C CYS A 123 24.06 11.04 12.38
N ARG A 124 24.76 11.82 13.20
CA ARG A 124 24.08 12.51 14.30
C ARG A 124 23.07 13.53 13.78
N GLN A 125 23.43 14.31 12.76
CA GLN A 125 22.49 15.30 12.24
C GLN A 125 21.31 14.65 11.54
N MET A 126 21.52 13.52 10.88
CA MET A 126 20.41 12.81 10.25
C MET A 126 19.49 12.19 11.30
N LEU A 127 20.06 11.69 12.40
CA LEU A 127 19.23 11.13 13.46
C LEU A 127 18.36 12.21 14.10
N GLU A 128 18.90 13.43 14.21
CA GLU A 128 18.08 14.56 14.64
C GLU A 128 16.99 14.88 13.63
N ALA A 129 17.31 14.79 12.34
CA ALA A 129 16.32 15.08 11.30
C ALA A 129 15.19 14.05 11.30
N LEU A 130 15.54 12.76 11.36
CA LEU A 130 14.52 11.72 11.32
C LEU A 130 13.63 11.76 12.57
N ASN A 131 14.22 12.00 13.73
CA ASN A 131 13.43 12.12 14.96
C ASN A 131 12.42 13.27 14.85
N PHE A 132 12.81 14.37 14.22
CA PHE A 132 11.90 15.50 14.05
C PHE A 132 10.75 15.14 13.10
N LEU A 133 11.05 14.43 12.01
CA LEU A 133 10.02 14.06 11.05
C LEU A 133 9.03 13.07 11.65
N HIS A 134 9.55 12.01 12.28
CA HIS A 134 8.69 10.95 12.82
C HIS A 134 7.74 11.49 13.89
N SER A 135 8.17 12.50 14.66
CA SER A 135 7.27 13.10 15.63
C SER A 135 6.09 13.79 14.95
N LYS A 136 6.28 14.23 13.71
CA LYS A 136 5.21 14.81 12.91
C LYS A 136 4.53 13.78 12.01
N ARG A 137 4.75 12.50 12.26
CA ARG A 137 4.14 11.41 11.49
C ARG A 137 4.44 11.55 9.99
N ILE A 138 5.72 11.70 9.67
CA ILE A 138 6.19 11.82 8.29
C ILE A 138 7.33 10.85 8.08
N ILE A 139 7.24 10.03 7.03
CA ILE A 139 8.30 9.13 6.65
C ILE A 139 8.96 9.69 5.39
N HIS A 140 10.21 9.29 5.17
CA HIS A 140 10.98 9.77 4.03
C HIS A 140 11.00 8.75 2.89
N ARG A 141 11.43 7.52 3.19
CA ARG A 141 11.38 6.34 2.31
C ARG A 141 12.38 6.40 1.16
N ASP A 142 13.20 7.45 1.05
CA ASP A 142 14.21 7.55 -0.01
C ASP A 142 15.48 8.18 0.57
N LEU A 143 16.09 7.49 1.53
CA LEU A 143 17.28 7.98 2.20
C LEU A 143 18.52 7.42 1.51
N LYS A 144 19.38 8.33 1.04
CA LYS A 144 20.60 7.97 0.34
C LYS A 144 21.53 9.17 0.36
N ALA A 145 22.78 8.94 -0.05
CA ALA A 145 23.77 10.02 -0.07
C ALA A 145 23.33 11.15 -0.98
N GLY A 146 22.65 10.84 -2.08
CA GLY A 146 22.19 11.87 -3.00
C GLY A 146 21.13 12.80 -2.42
N ASN A 147 20.49 12.39 -1.32
CA ASN A 147 19.46 13.19 -0.66
C ASN A 147 19.99 13.98 0.53
N VAL A 148 21.31 14.04 0.70
CA VAL A 148 21.93 14.73 1.82
C VAL A 148 22.79 15.85 1.25
N LEU A 149 22.39 17.09 1.48
CA LEU A 149 23.09 18.25 0.97
C LEU A 149 24.01 18.84 2.05
N MET A 150 24.92 19.72 1.62
CA MET A 150 25.93 20.27 2.52
C MET A 150 25.99 21.80 2.41
N THR A 151 26.22 22.43 3.55
CA THR A 151 26.39 23.87 3.66
C THR A 151 27.86 24.21 3.90
N LEU A 152 28.18 25.50 3.81
CA LEU A 152 29.54 25.97 4.06
C LEU A 152 29.98 25.70 5.50
N GLU A 153 29.06 25.87 6.46
CA GLU A 153 29.39 25.75 7.87
C GLU A 153 29.65 24.32 8.32
N GLY A 154 29.38 23.33 7.47
CA GLY A 154 29.57 21.95 7.85
C GLY A 154 28.30 21.24 8.29
N ASP A 155 27.13 21.79 7.99
CA ASP A 155 25.87 21.23 8.43
C ASP A 155 25.21 20.41 7.32
N ILE A 156 24.22 19.62 7.71
CA ILE A 156 23.51 18.72 6.81
C ILE A 156 22.15 19.34 6.51
N ARG A 157 21.72 19.24 5.24
CA ARG A 157 20.36 19.59 4.84
C ARG A 157 19.74 18.42 4.12
N LEU A 158 18.71 17.82 4.72
CA LEU A 158 18.03 16.67 4.16
C LEU A 158 17.09 17.09 3.05
N ALA A 159 16.98 16.25 2.03
CA ALA A 159 16.19 16.58 0.84
C ALA A 159 15.48 15.32 0.35
N ASP A 160 14.51 15.53 -0.56
CA ASP A 160 13.69 14.45 -1.10
C ASP A 160 14.03 14.10 -2.54
N PHE A 161 13.99 15.09 -3.44
CA PHE A 161 14.13 14.89 -4.89
C PHE A 161 12.98 14.04 -5.42
N GLY A 162 12.68 12.94 -4.73
CA GLY A 162 11.55 12.08 -5.04
C GLY A 162 10.29 12.49 -4.30
N VAL A 163 9.58 11.52 -3.73
CA VAL A 163 8.32 11.79 -3.03
C VAL A 163 8.24 10.96 -1.76
N SER A 164 8.03 11.62 -0.63
CA SER A 164 7.65 10.93 0.61
C SER A 164 6.16 11.21 0.88
N ALA A 165 5.73 10.99 2.13
CA ALA A 165 4.32 11.15 2.45
C ALA A 165 4.07 11.27 3.95
N LYS A 166 3.18 12.19 4.32
CA LYS A 166 2.74 12.35 5.70
C LYS A 166 1.48 11.53 5.92
N ASN A 167 1.26 11.15 7.17
CA ASN A 167 0.10 10.33 7.52
C ASN A 167 -0.59 10.84 8.79
N ILE A 178 -11.23 -1.22 3.61
CA ILE A 178 -10.70 -2.52 3.21
C ILE A 178 -11.73 -3.59 3.60
N GLY A 179 -11.30 -4.76 4.07
CA GLY A 179 -12.18 -5.86 4.35
C GLY A 179 -12.15 -6.27 5.81
N THR A 180 -12.95 -7.31 6.10
CA THR A 180 -13.21 -7.75 7.47
C THR A 180 -12.03 -8.56 8.03
N PRO A 181 -11.68 -8.34 9.30
CA PRO A 181 -10.48 -9.00 9.85
C PRO A 181 -10.60 -10.51 9.96
N TYR A 182 -11.75 -11.04 10.37
CA TYR A 182 -11.87 -12.48 10.59
C TYR A 182 -11.55 -13.26 9.32
N TRP A 183 -11.95 -12.73 8.17
CA TRP A 183 -11.68 -13.36 6.88
C TRP A 183 -10.34 -12.92 6.29
N MET A 184 -9.38 -12.52 7.14
CA MET A 184 -8.08 -12.05 6.71
C MET A 184 -7.01 -13.13 6.91
N ALA A 185 -5.90 -12.98 6.21
CA ALA A 185 -4.77 -13.90 6.17
C ALA A 185 -3.64 -13.41 7.07
N PRO A 186 -2.62 -14.24 7.31
CA PRO A 186 -1.47 -13.75 8.10
C PRO A 186 -0.69 -12.63 7.40
N GLU A 187 -0.41 -12.77 6.10
CA GLU A 187 0.39 -11.77 5.39
C GLU A 187 -0.26 -10.40 5.38
N VAL A 188 -1.59 -10.32 5.32
CA VAL A 188 -2.25 -9.01 5.35
C VAL A 188 -2.11 -8.39 6.73
N VAL A 189 -2.04 -9.21 7.79
CA VAL A 189 -1.88 -8.68 9.14
C VAL A 189 -0.54 -7.95 9.28
N MET A 190 0.52 -8.52 8.69
CA MET A 190 1.82 -7.85 8.73
C MET A 190 1.78 -6.57 7.89
N CYS A 191 1.29 -6.66 6.65
CA CYS A 191 1.23 -5.49 5.78
C CYS A 191 0.23 -4.46 6.30
N GLU A 192 -0.90 -4.91 6.80
CA GLU A 192 -1.95 -4.02 7.28
C GLU A 192 -2.20 -4.22 8.78
N PRO A 198 1.15 1.83 13.82
CA PRO A 198 1.91 3.04 14.11
C PRO A 198 3.34 2.75 14.53
N TYR A 199 3.88 1.64 14.02
CA TYR A 199 5.28 1.27 14.19
C TYR A 199 5.95 1.09 12.83
N ASP A 200 5.43 1.78 11.83
CA ASP A 200 5.95 1.73 10.46
C ASP A 200 7.00 2.79 10.18
N TYR A 201 7.43 3.55 11.20
CA TYR A 201 8.45 4.58 10.97
C TYR A 201 9.85 4.00 10.88
N LYS A 202 10.01 2.69 11.12
CA LYS A 202 11.32 2.07 11.18
C LYS A 202 11.98 1.90 9.81
N ALA A 203 11.24 2.13 8.73
CA ALA A 203 11.82 1.97 7.40
C ALA A 203 12.97 2.95 7.17
N ASP A 204 12.76 4.22 7.54
CA ASP A 204 13.82 5.22 7.38
C ASP A 204 15.07 4.84 8.16
N ILE A 205 14.90 4.21 9.33
CA ILE A 205 16.05 3.76 10.11
C ILE A 205 16.89 2.78 9.32
N TRP A 206 16.24 1.86 8.60
CA TRP A 206 16.99 0.92 7.76
C TRP A 206 17.75 1.64 6.67
N SER A 207 17.08 2.54 5.95
CA SER A 207 17.76 3.30 4.90
C SER A 207 18.90 4.13 5.47
N LEU A 208 18.75 4.62 6.70
CA LEU A 208 19.84 5.36 7.33
C LEU A 208 21.07 4.49 7.55
N GLY A 209 20.87 3.28 8.08
CA GLY A 209 22.00 2.39 8.30
C GLY A 209 22.73 2.03 7.02
N ILE A 210 22.00 1.90 5.91
CA ILE A 210 22.63 1.59 4.63
C ILE A 210 23.39 2.80 4.10
N THR A 211 22.87 4.01 4.34
CA THR A 211 23.53 5.21 3.83
C THR A 211 24.91 5.41 4.45
N LEU A 212 25.06 5.05 5.74
CA LEU A 212 26.38 5.13 6.37
C LEU A 212 27.38 4.24 5.66
N ILE A 213 26.97 3.02 5.30
CA ILE A 213 27.84 2.11 4.55
C ILE A 213 28.16 2.70 3.18
N GLU A 214 27.17 3.36 2.56
CA GLU A 214 27.41 4.01 1.28
C GLU A 214 28.44 5.12 1.40
N MET A 215 28.28 5.98 2.42
CA MET A 215 29.24 7.06 2.61
C MET A 215 30.60 6.53 3.03
N ALA A 216 30.64 5.36 3.67
CA ALA A 216 31.91 4.74 4.03
C ALA A 216 32.58 4.09 2.83
N GLN A 217 31.79 3.39 2.00
CA GLN A 217 32.33 2.60 0.89
C GLN A 217 31.91 3.14 -0.48
N ILE A 218 31.52 4.41 -0.57
CA ILE A 218 31.17 5.08 -1.83
C ILE A 218 29.88 4.51 -2.42
N GLU A 219 29.85 3.18 -2.62
CA GLU A 219 28.75 2.52 -3.30
C GLU A 219 27.86 1.79 -2.29
N PRO A 220 26.56 1.73 -2.53
CA PRO A 220 25.67 1.04 -1.60
C PRO A 220 25.86 -0.46 -1.68
N PRO A 221 25.34 -1.22 -0.71
CA PRO A 221 25.52 -2.68 -0.74
C PRO A 221 24.86 -3.31 -1.96
N HIS A 222 25.49 -4.39 -2.44
CA HIS A 222 25.01 -5.13 -3.61
C HIS A 222 24.93 -4.23 -4.84
N HIS A 223 25.95 -3.40 -5.03
CA HIS A 223 25.99 -2.53 -6.19
C HIS A 223 26.46 -3.23 -7.46
N GLU A 224 27.09 -4.40 -7.31
CA GLU A 224 27.50 -5.18 -8.48
C GLU A 224 26.30 -5.78 -9.23
N LEU A 225 25.23 -6.11 -8.52
CA LEU A 225 24.07 -6.76 -9.13
C LEU A 225 23.23 -5.74 -9.91
N ASN A 226 22.38 -6.27 -10.77
CA ASN A 226 21.45 -5.41 -11.48
C ASN A 226 20.27 -5.06 -10.58
N PRO A 227 19.61 -3.92 -10.84
CA PRO A 227 18.56 -3.44 -9.91
C PRO A 227 17.42 -4.41 -9.68
N MET A 228 17.04 -5.20 -10.69
CA MET A 228 15.92 -6.11 -10.51
C MET A 228 16.25 -7.20 -9.48
N ARG A 229 17.49 -7.69 -9.50
CA ARG A 229 17.89 -8.78 -8.61
C ARG A 229 17.96 -8.33 -7.15
N VAL A 230 18.23 -7.04 -6.92
CA VAL A 230 18.50 -6.56 -5.56
C VAL A 230 17.32 -6.82 -4.63
N LEU A 231 16.09 -6.71 -5.14
CA LEU A 231 14.91 -6.88 -4.29
C LEU A 231 14.88 -8.26 -3.65
N LEU A 232 15.12 -9.30 -4.44
CA LEU A 232 15.16 -10.66 -3.88
C LEU A 232 16.37 -10.86 -2.96
N LYS A 233 17.52 -10.29 -3.32
CA LYS A 233 18.72 -10.48 -2.50
C LYS A 233 18.56 -9.84 -1.13
N ILE A 234 17.87 -8.71 -1.05
CA ILE A 234 17.69 -8.04 0.24
C ILE A 234 16.93 -8.95 1.20
N ALA A 235 15.81 -9.50 0.72
CA ALA A 235 14.95 -10.30 1.58
C ALA A 235 15.60 -11.64 1.95
N LYS A 236 16.07 -12.38 0.94
CA LYS A 236 16.58 -13.73 1.20
C LYS A 236 17.85 -13.69 2.03
N SER A 237 18.75 -12.76 1.75
CA SER A 237 20.01 -12.70 2.47
C SER A 237 19.79 -12.12 3.87
N ASP A 238 20.71 -12.44 4.78
CA ASP A 238 20.75 -11.82 6.08
C ASP A 238 21.23 -10.37 5.94
N PRO A 239 20.93 -9.51 6.91
CA PRO A 239 21.32 -8.08 6.80
C PRO A 239 22.80 -7.91 6.55
N PRO A 240 23.18 -6.98 5.67
CA PRO A 240 24.58 -6.83 5.29
C PRO A 240 25.42 -6.12 6.36
N THR A 241 26.73 -6.33 6.26
CA THR A 241 27.71 -5.68 7.13
C THR A 241 28.85 -5.11 6.28
N LEU A 242 29.68 -4.29 6.90
CA LEU A 242 30.78 -3.64 6.20
C LEU A 242 31.84 -4.64 5.78
N LEU A 243 32.55 -4.30 4.69
CA LEU A 243 33.52 -5.22 4.09
C LEU A 243 34.79 -5.34 4.92
N THR A 244 35.53 -4.23 5.07
CA THR A 244 36.81 -4.22 5.79
C THR A 244 36.66 -3.48 7.12
N PRO A 245 36.40 -4.19 8.22
CA PRO A 245 36.21 -3.54 9.52
C PRO A 245 37.47 -2.98 10.16
N SER A 246 38.65 -3.20 9.58
CA SER A 246 39.88 -2.77 10.24
C SER A 246 39.89 -1.27 10.46
N LYS A 247 39.51 -0.50 9.46
CA LYS A 247 39.50 0.95 9.61
C LYS A 247 38.46 1.42 10.62
N TRP A 248 37.33 0.73 10.70
CA TRP A 248 36.19 1.18 11.49
C TRP A 248 36.16 0.53 12.87
N SER A 249 35.51 1.23 13.79
CA SER A 249 35.41 0.81 15.19
C SER A 249 34.35 -0.28 15.37
N VAL A 250 34.41 -0.92 16.54
CA VAL A 250 33.34 -1.82 16.94
C VAL A 250 32.09 -1.02 17.25
N GLU A 251 32.25 0.21 17.77
CA GLU A 251 31.11 1.08 18.00
C GLU A 251 30.44 1.44 16.68
N PHE A 252 31.24 1.61 15.63
CA PHE A 252 30.70 1.77 14.29
C PHE A 252 29.98 0.49 13.84
N ARG A 253 30.65 -0.65 13.96
CA ARG A 253 30.07 -1.92 13.53
C ARG A 253 28.80 -2.25 14.30
N ASP A 254 28.80 -2.01 15.61
CA ASP A 254 27.62 -2.29 16.42
C ASP A 254 26.43 -1.42 16.02
N PHE A 255 26.68 -0.12 15.77
CA PHE A 255 25.59 0.78 15.40
C PHE A 255 24.95 0.35 14.08
N LEU A 256 25.76 -0.06 13.11
CA LEU A 256 25.21 -0.58 11.86
C LEU A 256 24.44 -1.87 12.13
N ALA A 257 25.02 -2.77 12.93
CA ALA A 257 24.39 -4.06 13.19
C ALA A 257 23.06 -3.92 13.93
N ILE A 258 23.00 -3.00 14.91
CA ILE A 258 21.75 -2.82 15.65
C ILE A 258 20.69 -2.17 14.77
N ALA A 259 21.08 -1.28 13.87
CA ALA A 259 20.12 -0.63 12.99
C ALA A 259 19.55 -1.60 11.96
N LEU A 260 20.38 -2.51 11.44
CA LEU A 260 19.98 -3.42 10.38
C LEU A 260 19.32 -4.65 10.99
N ASP A 261 18.05 -4.48 11.35
CA ASP A 261 17.22 -5.52 11.93
C ASP A 261 15.96 -5.69 11.08
N LYS A 262 15.69 -6.93 10.65
CA LYS A 262 14.58 -7.19 9.74
C LYS A 262 13.22 -6.94 10.40
N ASN A 263 13.10 -7.19 11.69
CA ASN A 263 11.80 -7.11 12.35
C ASN A 263 11.46 -5.66 12.68
N PRO A 264 10.37 -5.12 12.13
CA PRO A 264 10.06 -3.70 12.39
C PRO A 264 9.78 -3.40 13.86
N GLU A 265 9.11 -4.32 14.56
CA GLU A 265 8.78 -4.10 15.97
C GLU A 265 10.04 -3.94 16.81
N THR A 266 11.08 -4.72 16.52
CA THR A 266 12.30 -4.66 17.30
C THR A 266 13.25 -3.53 16.86
N ARG A 267 13.02 -2.94 15.70
CA ARG A 267 13.97 -1.94 15.19
C ARG A 267 13.96 -0.71 16.08
N PRO A 268 15.13 -0.19 16.47
CA PRO A 268 15.15 0.97 17.36
C PRO A 268 14.69 2.23 16.65
N SER A 269 14.09 3.12 17.43
CA SER A 269 13.59 4.39 16.90
C SER A 269 14.74 5.40 16.77
N ALA A 270 14.40 6.59 16.27
CA ALA A 270 15.40 7.64 16.11
C ALA A 270 15.92 8.17 17.44
N ALA A 271 15.03 8.39 18.40
CA ALA A 271 15.46 8.91 19.70
C ALA A 271 16.39 7.93 20.40
N GLN A 272 16.11 6.64 20.30
CA GLN A 272 16.93 5.62 20.92
C GLN A 272 18.33 5.58 20.32
N LEU A 273 18.45 5.68 19.00
CA LEU A 273 19.76 5.66 18.36
C LEU A 273 20.58 6.91 18.67
N LEU A 274 19.92 8.03 19.02
CA LEU A 274 20.64 9.22 19.44
C LEU A 274 21.42 8.96 20.73
N GLU A 275 20.85 8.15 21.62
CA GLU A 275 21.53 7.77 22.86
C GLU A 275 22.41 6.55 22.64
N HIS A 276 23.31 6.69 21.68
CA HIS A 276 24.28 5.65 21.35
C HIS A 276 25.66 6.30 21.26
N PRO A 277 26.70 5.68 21.85
CA PRO A 277 28.01 6.35 21.91
C PRO A 277 28.57 6.77 20.56
N PHE A 278 28.19 6.08 19.48
CA PHE A 278 28.67 6.45 18.15
C PHE A 278 28.31 7.90 17.80
N VAL A 279 27.21 8.40 18.34
CA VAL A 279 26.76 9.77 18.07
C VAL A 279 26.41 10.53 19.33
N SER A 280 26.47 9.90 20.51
CA SER A 280 26.12 10.58 21.75
C SER A 280 27.21 11.55 22.21
N SER A 281 28.45 11.30 21.82
CA SER A 281 29.59 12.09 22.29
C SER A 281 30.14 13.02 21.21
N ILE A 282 29.28 13.49 20.31
CA ILE A 282 29.68 14.37 19.22
C ILE A 282 29.28 15.80 19.59
N THR A 283 30.26 16.70 19.65
CA THR A 283 30.02 18.09 19.98
C THR A 283 30.47 19.06 18.88
N SER A 284 31.22 18.59 17.89
CA SER A 284 31.77 19.46 16.86
C SER A 284 31.43 18.91 15.48
N ASN A 285 31.16 19.83 14.56
CA ASN A 285 30.98 19.52 13.14
C ASN A 285 32.22 19.86 12.32
N LYS A 286 33.38 19.92 12.98
CA LYS A 286 34.61 20.31 12.29
C LYS A 286 34.95 19.32 11.19
N ALA A 287 34.69 18.03 11.42
CA ALA A 287 35.02 17.01 10.42
C ALA A 287 34.27 17.29 9.11
N LEU A 288 32.99 17.66 9.19
CA LEU A 288 32.24 18.00 7.99
C LEU A 288 32.73 19.31 7.39
N ARG A 289 33.10 20.28 8.24
CA ARG A 289 33.59 21.55 7.73
C ARG A 289 34.86 21.35 6.91
N GLU A 290 35.74 20.45 7.36
CA GLU A 290 36.95 20.15 6.59
C GLU A 290 36.60 19.52 5.25
N LEU A 291 35.59 18.64 5.22
CA LEU A 291 35.20 17.98 3.98
C LEU A 291 34.72 19.00 2.94
N VAL A 292 33.90 19.96 3.36
CA VAL A 292 33.37 20.94 2.42
C VAL A 292 34.49 21.82 1.86
N ALA A 293 35.44 22.22 2.72
CA ALA A 293 36.55 23.04 2.24
C ALA A 293 37.44 22.28 1.26
N GLU A 294 37.67 20.99 1.53
CA GLU A 294 38.48 20.19 0.61
C GLU A 294 37.80 20.05 -0.75
N ALA A 295 36.51 19.73 -0.76
CA ALA A 295 35.78 19.58 -2.01
C ALA A 295 35.71 20.91 -2.76
N LYS A 296 35.53 22.01 -2.02
CA LYS A 296 35.47 23.32 -2.67
C LYS A 296 36.76 23.64 -3.40
N ALA A 297 37.90 23.27 -2.81
CA ALA A 297 39.19 23.52 -3.44
C ALA A 297 39.40 22.65 -4.67
N GLU A 298 38.96 21.38 -4.60
CA GLU A 298 39.20 20.45 -5.71
C GLU A 298 38.50 20.91 -6.98
N VAL A 299 37.38 21.63 -6.85
CA VAL A 299 36.66 22.13 -8.02
C VAL A 299 37.55 23.06 -8.84
N MET A 300 38.43 23.82 -8.18
CA MET A 300 39.25 24.81 -8.89
C MET A 300 40.30 24.15 -9.79
N GLU A 301 40.60 22.88 -9.57
CA GLU A 301 41.65 22.17 -10.32
C GLU A 301 41.33 22.06 -11.80
N GLU A 302 41.25 20.82 -12.30
CA GLU A 302 40.95 20.54 -13.70
C GLU A 302 40.65 19.06 -13.90
N GLU B 9 -15.43 8.44 -18.15
CA GLU B 9 -16.00 7.20 -17.64
C GLU B 9 -17.17 6.76 -18.51
N HIS B 10 -17.43 5.45 -18.54
CA HIS B 10 -18.50 4.88 -19.34
C HIS B 10 -19.88 5.04 -18.70
N VAL B 11 -19.94 5.47 -17.44
CA VAL B 11 -21.19 5.47 -16.70
C VAL B 11 -22.18 6.44 -17.33
N ARG B 12 -23.39 5.96 -17.58
CA ARG B 12 -24.42 6.86 -18.13
C ARG B 12 -24.69 7.96 -17.11
N ARG B 13 -24.60 9.20 -17.59
CA ARG B 13 -24.62 10.38 -16.73
C ARG B 13 -25.69 11.39 -17.12
N ASP B 14 -26.67 11.00 -17.95
CA ASP B 14 -27.66 11.95 -18.44
C ASP B 14 -29.11 11.55 -18.15
N LEU B 15 -29.34 10.52 -17.34
CA LEU B 15 -30.70 10.07 -17.07
C LEU B 15 -30.98 10.02 -15.57
N ASP B 16 -32.08 10.65 -15.16
CA ASP B 16 -32.56 10.48 -13.80
C ASP B 16 -33.18 9.09 -13.68
N PRO B 17 -32.89 8.36 -12.60
CA PRO B 17 -33.30 6.94 -12.54
C PRO B 17 -34.79 6.69 -12.61
N ASN B 18 -35.63 7.69 -12.30
CA ASN B 18 -37.07 7.45 -12.17
C ASN B 18 -37.69 6.85 -13.43
N GLU B 19 -37.17 7.20 -14.61
CA GLU B 19 -37.74 6.66 -15.84
C GLU B 19 -37.57 5.15 -15.94
N VAL B 20 -36.39 4.63 -15.59
CA VAL B 20 -36.11 3.21 -15.82
C VAL B 20 -36.67 2.34 -14.71
N TRP B 21 -36.43 2.69 -13.45
CA TRP B 21 -36.76 1.82 -12.32
C TRP B 21 -37.61 2.56 -11.31
N GLU B 22 -38.35 1.79 -10.52
CA GLU B 22 -39.16 2.29 -9.42
C GLU B 22 -38.81 1.50 -8.16
N ILE B 23 -38.50 2.22 -7.08
CA ILE B 23 -38.11 1.57 -5.84
C ILE B 23 -39.32 0.88 -5.24
N VAL B 24 -39.13 -0.35 -4.76
CA VAL B 24 -40.24 -1.16 -4.26
C VAL B 24 -39.99 -1.75 -2.88
N GLY B 25 -38.79 -1.58 -2.33
CA GLY B 25 -38.55 -2.13 -1.01
C GLY B 25 -37.11 -1.93 -0.60
N GLU B 26 -36.82 -2.34 0.64
CA GLU B 26 -35.48 -2.34 1.21
C GLU B 26 -35.12 -3.77 1.59
N LEU B 27 -33.93 -4.20 1.17
CA LEU B 27 -33.49 -5.57 1.42
C LEU B 27 -32.70 -5.69 2.70
N GLY B 28 -31.98 -4.63 3.08
CA GLY B 28 -31.30 -4.61 4.35
C GLY B 28 -30.88 -3.21 4.78
N ASP B 29 -31.13 -2.87 6.03
CA ASP B 29 -30.53 -1.69 6.62
C ASP B 29 -29.16 -2.08 7.14
N GLY B 30 -28.11 -1.57 6.50
CA GLY B 30 -26.80 -2.18 6.62
C GLY B 30 -25.69 -1.15 6.70
N ALA B 31 -24.51 -1.65 7.09
CA ALA B 31 -23.31 -0.83 7.23
C ALA B 31 -22.85 -0.27 5.88
N PHE B 32 -22.89 -1.09 4.83
CA PHE B 32 -22.52 -0.61 3.50
C PHE B 32 -23.40 0.56 3.07
N GLY B 33 -24.68 0.49 3.42
CA GLY B 33 -25.63 1.55 3.13
C GLY B 33 -27.01 0.96 2.93
N LYS B 34 -27.88 1.76 2.31
CA LYS B 34 -29.23 1.32 1.98
C LYS B 34 -29.24 0.79 0.55
N VAL B 35 -29.81 -0.40 0.37
CA VAL B 35 -29.94 -1.02 -0.94
C VAL B 35 -31.41 -1.38 -1.15
N TYR B 36 -31.98 -0.94 -2.27
CA TYR B 36 -33.40 -1.13 -2.52
C TYR B 36 -33.61 -2.24 -3.55
N LYS B 37 -34.82 -2.80 -3.53
CA LYS B 37 -35.25 -3.76 -4.54
C LYS B 37 -36.18 -3.04 -5.51
N ALA B 38 -35.88 -3.12 -6.80
CA ALA B 38 -36.57 -2.34 -7.81
C ALA B 38 -36.96 -3.22 -8.99
N LYS B 39 -37.95 -2.74 -9.74
CA LYS B 39 -38.43 -3.39 -10.94
C LYS B 39 -38.41 -2.39 -12.09
N ASN B 40 -38.05 -2.86 -13.27
CA ASN B 40 -37.93 -1.99 -14.44
C ASN B 40 -39.32 -1.65 -14.97
N LYS B 41 -39.57 -0.37 -15.20
CA LYS B 41 -40.89 0.07 -15.63
C LYS B 41 -41.29 -0.57 -16.96
N GLU B 42 -40.33 -0.81 -17.84
CA GLU B 42 -40.63 -1.39 -19.15
C GLU B 42 -40.77 -2.91 -19.07
N THR B 43 -39.71 -3.61 -18.65
CA THR B 43 -39.67 -5.06 -18.69
C THR B 43 -40.02 -5.72 -17.36
N GLY B 44 -40.01 -4.97 -16.26
CA GLY B 44 -40.32 -5.53 -14.96
C GLY B 44 -39.30 -6.52 -14.44
N ALA B 45 -38.05 -6.41 -14.87
CA ALA B 45 -37.01 -7.31 -14.42
C ALA B 45 -36.59 -6.94 -13.01
N LEU B 46 -36.46 -7.93 -12.14
CA LEU B 46 -36.09 -7.67 -10.77
C LEU B 46 -34.61 -7.35 -10.68
N ALA B 47 -34.26 -6.42 -9.78
CA ALA B 47 -32.87 -6.03 -9.62
C ALA B 47 -32.70 -5.40 -8.24
N ALA B 48 -31.44 -5.14 -7.89
CA ALA B 48 -31.09 -4.46 -6.65
C ALA B 48 -30.40 -3.15 -6.96
N ALA B 49 -30.79 -2.10 -6.23
CA ALA B 49 -30.27 -0.75 -6.45
C ALA B 49 -29.41 -0.36 -5.26
N LYS B 50 -28.12 -0.15 -5.50
CA LYS B 50 -27.19 0.31 -4.48
C LYS B 50 -27.04 1.81 -4.62
N VAL B 51 -27.56 2.56 -3.64
CA VAL B 51 -27.60 4.01 -3.68
C VAL B 51 -26.54 4.53 -2.71
N ILE B 52 -25.65 5.38 -3.21
CA ILE B 52 -24.53 5.88 -2.41
C ILE B 52 -24.49 7.41 -2.46
N GLU B 53 -24.21 8.00 -1.31
CA GLU B 53 -24.02 9.44 -1.15
C GLU B 53 -22.53 9.74 -1.03
N THR B 54 -21.99 10.53 -1.94
CA THR B 54 -20.56 10.81 -1.98
C THR B 54 -20.08 11.43 -0.68
N GLU B 57 -16.94 14.85 -5.22
CA GLU B 57 -15.65 14.68 -4.57
C GLU B 57 -14.77 13.70 -5.35
N GLU B 58 -13.57 13.46 -4.83
CA GLU B 58 -12.69 12.44 -5.39
C GLU B 58 -13.17 11.04 -5.06
N GLU B 59 -14.03 10.90 -4.04
CA GLU B 59 -14.62 9.62 -3.71
C GLU B 59 -15.43 9.07 -4.87
N LEU B 60 -16.18 9.93 -5.56
CA LEU B 60 -16.89 9.51 -6.76
C LEU B 60 -15.93 8.93 -7.78
N GLU B 61 -14.78 9.59 -7.97
CA GLU B 61 -13.77 9.08 -8.89
C GLU B 61 -13.23 7.74 -8.42
N ASP B 62 -13.13 7.56 -7.10
CA ASP B 62 -12.73 6.26 -6.55
C ASP B 62 -13.76 5.19 -6.87
N TYR B 63 -15.06 5.54 -6.81
CA TYR B 63 -16.10 4.56 -7.13
C TYR B 63 -16.15 4.23 -8.62
N ILE B 64 -15.77 5.18 -9.47
CA ILE B 64 -15.88 4.97 -10.92
C ILE B 64 -15.03 3.78 -11.37
N VAL B 65 -13.86 3.59 -10.76
CA VAL B 65 -13.05 2.42 -11.09
C VAL B 65 -13.74 1.13 -10.64
N GLU B 66 -14.46 1.18 -9.52
CA GLU B 66 -15.14 0.00 -9.02
C GLU B 66 -16.18 -0.52 -10.01
N ILE B 67 -16.94 0.40 -10.62
CA ILE B 67 -17.93 0.00 -11.63
C ILE B 67 -17.23 -0.61 -12.84
N GLU B 68 -16.14 0.01 -13.31
CA GLU B 68 -15.42 -0.53 -14.46
C GLU B 68 -14.80 -1.89 -14.18
N ILE B 69 -14.35 -2.14 -12.95
CA ILE B 69 -13.86 -3.48 -12.63
C ILE B 69 -14.98 -4.51 -12.81
N LEU B 70 -16.15 -4.22 -12.24
CA LEU B 70 -17.28 -5.13 -12.36
C LEU B 70 -17.80 -5.22 -13.79
N ALA B 71 -17.68 -4.13 -14.56
CA ALA B 71 -18.14 -4.15 -15.95
C ALA B 71 -17.39 -5.17 -16.79
N THR B 72 -16.12 -5.45 -16.45
CA THR B 72 -15.31 -6.41 -17.19
C THR B 72 -15.37 -7.82 -16.60
N CYS B 73 -16.01 -7.99 -15.44
CA CYS B 73 -16.07 -9.29 -14.78
C CYS B 73 -17.35 -10.02 -15.19
N ASP B 74 -17.38 -10.45 -16.45
CA ASP B 74 -18.54 -11.14 -17.01
C ASP B 74 -18.34 -12.63 -16.82
N HIS B 75 -19.00 -13.20 -15.81
CA HIS B 75 -18.84 -14.61 -15.48
C HIS B 75 -20.13 -15.11 -14.86
N PRO B 76 -20.49 -16.38 -15.07
CA PRO B 76 -21.75 -16.89 -14.50
C PRO B 76 -21.83 -16.79 -12.99
N TYR B 77 -20.71 -16.95 -12.28
CA TYR B 77 -20.69 -16.98 -10.83
C TYR B 77 -20.38 -15.62 -10.22
N ILE B 78 -20.55 -14.54 -10.97
CA ILE B 78 -20.34 -13.18 -10.50
C ILE B 78 -21.61 -12.41 -10.76
N VAL B 79 -21.97 -11.52 -9.83
CA VAL B 79 -23.21 -10.75 -9.98
C VAL B 79 -23.17 -9.98 -11.29
N LYS B 80 -24.32 -9.90 -11.95
CA LYS B 80 -24.39 -9.19 -13.21
C LYS B 80 -24.81 -7.76 -12.97
N LEU B 81 -24.10 -6.83 -13.59
CA LEU B 81 -24.40 -5.41 -13.50
C LEU B 81 -25.25 -5.03 -14.69
N LEU B 82 -26.33 -4.30 -14.43
CA LEU B 82 -27.26 -3.90 -15.48
C LEU B 82 -27.14 -2.44 -15.89
N GLY B 83 -26.84 -1.57 -14.94
CA GLY B 83 -26.65 -0.17 -15.27
C GLY B 83 -26.10 0.60 -14.10
N ALA B 84 -25.66 1.82 -14.40
CA ALA B 84 -25.18 2.74 -13.39
C ALA B 84 -25.54 4.14 -13.84
N TYR B 85 -26.18 4.90 -12.97
CA TYR B 85 -26.63 6.25 -13.27
C TYR B 85 -26.24 7.18 -12.13
N TYR B 86 -26.10 8.46 -12.45
CA TYR B 86 -25.74 9.48 -11.45
C TYR B 86 -26.63 10.69 -11.69
N HIS B 87 -27.66 10.83 -10.87
CA HIS B 87 -28.57 11.97 -10.93
C HIS B 87 -29.02 12.32 -9.52
N ASP B 88 -29.40 13.59 -9.34
CA ASP B 88 -29.87 14.11 -8.05
C ASP B 88 -28.83 13.87 -6.95
N GLY B 89 -27.57 14.16 -7.27
CA GLY B 89 -26.50 14.07 -6.30
C GLY B 89 -26.19 12.65 -5.84
N LEU B 91 -25.02 8.48 -7.16
CA LEU B 91 -24.67 7.36 -8.02
C LEU B 91 -25.47 6.11 -7.69
N TRP B 92 -26.19 5.59 -8.68
CA TRP B 92 -27.01 4.39 -8.53
C TRP B 92 -26.34 3.21 -9.22
N ILE B 93 -26.41 2.04 -8.59
CA ILE B 93 -25.86 0.81 -9.14
C ILE B 93 -26.97 -0.25 -9.17
N MET B 94 -27.25 -0.78 -10.35
CA MET B 94 -28.25 -1.83 -10.52
C MET B 94 -27.55 -3.16 -10.72
N ILE B 95 -27.95 -4.16 -9.94
CA ILE B 95 -27.34 -5.48 -9.93
C ILE B 95 -28.45 -6.48 -10.11
N GLU B 96 -28.17 -7.56 -10.83
CA GLU B 96 -29.20 -8.57 -11.09
C GLU B 96 -29.71 -9.13 -9.78
N PHE B 97 -31.03 -9.20 -9.65
CA PHE B 97 -31.64 -9.60 -8.39
C PHE B 97 -31.39 -11.08 -8.14
N CYS B 98 -30.81 -11.40 -6.99
CA CYS B 98 -30.58 -12.79 -6.61
C CYS B 98 -31.59 -13.12 -5.52
N PRO B 99 -32.64 -13.87 -5.84
CA PRO B 99 -33.74 -14.04 -4.87
C PRO B 99 -33.33 -14.78 -3.62
N GLY B 100 -32.38 -15.71 -3.71
CA GLY B 100 -31.95 -16.44 -2.52
C GLY B 100 -31.36 -15.55 -1.45
N GLY B 101 -30.66 -14.50 -1.85
CA GLY B 101 -30.01 -13.62 -0.90
C GLY B 101 -28.66 -14.16 -0.46
N ALA B 102 -28.04 -13.43 0.45
CA ALA B 102 -26.73 -13.81 0.96
C ALA B 102 -26.82 -15.07 1.81
N VAL B 103 -25.74 -15.86 1.78
CA VAL B 103 -25.74 -17.14 2.50
C VAL B 103 -25.78 -16.92 4.01
N ASP B 104 -25.13 -15.86 4.49
CA ASP B 104 -25.15 -15.59 5.94
C ASP B 104 -26.56 -15.25 6.42
N ALA B 105 -27.33 -14.52 5.62
CA ALA B 105 -28.72 -14.27 5.98
C ALA B 105 -29.54 -15.55 5.95
N ILE B 106 -29.23 -16.44 5.00
CA ILE B 106 -29.97 -17.71 4.90
C ILE B 106 -29.67 -18.59 6.11
N MET B 107 -28.39 -18.68 6.49
CA MET B 107 -28.02 -19.49 7.66
C MET B 107 -28.72 -18.99 8.92
N LEU B 108 -28.88 -17.67 9.05
CA LEU B 108 -29.59 -17.12 10.20
C LEU B 108 -31.06 -17.50 10.18
N GLU B 109 -31.69 -17.40 9.01
CA GLU B 109 -33.12 -17.69 8.91
C GLU B 109 -33.41 -19.15 9.22
N LEU B 110 -32.54 -20.05 8.78
CA LEU B 110 -32.70 -21.48 9.03
C LEU B 110 -32.12 -21.94 10.36
N ASP B 111 -31.28 -21.12 11.01
CA ASP B 111 -30.69 -21.44 12.31
C ASP B 111 -29.93 -22.76 12.28
N ARG B 112 -29.10 -22.93 11.26
CA ARG B 112 -28.22 -24.09 11.18
C ARG B 112 -27.13 -23.82 10.16
N GLY B 113 -26.11 -24.66 10.20
CA GLY B 113 -25.01 -24.57 9.27
C GLY B 113 -25.26 -25.33 7.98
N LEU B 114 -24.39 -25.09 7.02
CA LEU B 114 -24.51 -25.72 5.72
C LEU B 114 -24.08 -27.18 5.80
N THR B 115 -24.63 -28.00 4.90
CA THR B 115 -24.19 -29.38 4.87
C THR B 115 -22.91 -29.47 4.05
N GLU B 116 -22.15 -30.55 4.28
CA GLU B 116 -20.93 -30.75 3.50
C GLU B 116 -21.20 -30.84 2.01
N PRO B 117 -22.26 -31.52 1.52
CA PRO B 117 -22.55 -31.43 0.08
C PRO B 117 -22.85 -30.01 -0.39
N GLN B 118 -23.58 -29.23 0.41
CA GLN B 118 -23.85 -27.85 0.03
C GLN B 118 -22.59 -27.00 0.00
N ILE B 119 -21.67 -27.25 0.95
CA ILE B 119 -20.41 -26.52 0.97
C ILE B 119 -19.58 -26.85 -0.26
N GLN B 120 -19.54 -28.13 -0.65
CA GLN B 120 -18.77 -28.53 -1.83
C GLN B 120 -19.20 -27.77 -3.07
N VAL B 121 -20.52 -27.61 -3.26
CA VAL B 121 -21.02 -26.85 -4.41
C VAL B 121 -20.59 -25.40 -4.33
N VAL B 122 -20.75 -24.78 -3.14
CA VAL B 122 -20.33 -23.39 -2.97
C VAL B 122 -18.83 -23.26 -3.19
N CYS B 123 -18.04 -24.18 -2.62
CA CYS B 123 -16.60 -24.11 -2.75
C CYS B 123 -16.18 -24.26 -4.22
N ARG B 124 -16.81 -25.19 -4.94
CA ARG B 124 -16.45 -25.42 -6.33
C ARG B 124 -16.76 -24.21 -7.20
N GLN B 125 -17.94 -23.60 -7.02
CA GLN B 125 -18.32 -22.45 -7.83
C GLN B 125 -17.47 -21.22 -7.51
N MET B 126 -17.06 -21.05 -6.24
CA MET B 126 -16.23 -19.90 -5.89
C MET B 126 -14.84 -20.00 -6.50
N LEU B 127 -14.28 -21.21 -6.54
CA LEU B 127 -12.96 -21.40 -7.16
C LEU B 127 -13.01 -21.13 -8.66
N GLU B 128 -14.14 -21.44 -9.31
CA GLU B 128 -14.30 -21.03 -10.70
C GLU B 128 -14.30 -19.52 -10.83
N ALA B 129 -14.93 -18.82 -9.88
CA ALA B 129 -14.94 -17.37 -9.89
C ALA B 129 -13.56 -16.80 -9.63
N LEU B 130 -12.87 -17.31 -8.59
CA LEU B 130 -11.55 -16.80 -8.25
C LEU B 130 -10.53 -17.07 -9.34
N ASN B 131 -10.57 -18.27 -9.93
CA ASN B 131 -9.66 -18.58 -11.03
C ASN B 131 -9.89 -17.62 -12.20
N PHE B 132 -11.14 -17.24 -12.44
CA PHE B 132 -11.45 -16.27 -13.48
C PHE B 132 -10.93 -14.88 -13.10
N LEU B 133 -11.11 -14.49 -11.84
CA LEU B 133 -10.65 -13.17 -11.40
C LEU B 133 -9.14 -13.08 -11.38
N HIS B 134 -8.47 -14.07 -10.76
CA HIS B 134 -7.02 -14.03 -10.66
C HIS B 134 -6.36 -14.05 -12.03
N SER B 135 -6.98 -14.72 -13.01
CA SER B 135 -6.46 -14.71 -14.37
C SER B 135 -6.53 -13.30 -14.97
N LYS B 136 -7.47 -12.48 -14.52
CA LYS B 136 -7.56 -11.10 -14.95
C LYS B 136 -6.80 -10.16 -14.03
N ARG B 137 -5.92 -10.68 -13.18
CA ARG B 137 -5.14 -9.88 -12.25
C ARG B 137 -6.03 -9.02 -11.38
N ILE B 138 -7.04 -9.65 -10.78
CA ILE B 138 -7.97 -8.98 -9.88
C ILE B 138 -8.12 -9.81 -8.62
N ILE B 139 -7.92 -9.19 -7.46
CA ILE B 139 -8.11 -9.83 -6.18
C ILE B 139 -9.38 -9.27 -5.55
N HIS B 140 -9.95 -10.04 -4.62
CA HIS B 140 -11.18 -9.65 -3.93
C HIS B 140 -10.91 -9.07 -2.56
N ARG B 141 -10.19 -9.82 -1.71
CA ARG B 141 -9.72 -9.43 -0.37
C ARG B 141 -10.82 -9.36 0.67
N ASP B 142 -12.08 -9.66 0.31
CA ASP B 142 -13.18 -9.64 1.28
C ASP B 142 -14.13 -10.81 1.02
N LEU B 143 -13.62 -12.03 1.20
CA LEU B 143 -14.43 -13.22 0.97
C LEU B 143 -15.09 -13.66 2.26
N LYS B 144 -16.42 -13.75 2.24
CA LYS B 144 -17.20 -14.13 3.40
C LYS B 144 -18.56 -14.59 2.90
N ALA B 145 -19.33 -15.20 3.81
CA ALA B 145 -20.67 -15.66 3.45
C ALA B 145 -21.56 -14.50 3.00
N GLY B 146 -21.38 -13.32 3.59
CA GLY B 146 -22.19 -12.17 3.23
C GLY B 146 -21.97 -11.67 1.82
N ASN B 147 -20.87 -12.06 1.16
CA ASN B 147 -20.58 -11.61 -0.19
C ASN B 147 -20.95 -12.63 -1.27
N VAL B 148 -21.62 -13.72 -0.91
CA VAL B 148 -22.02 -14.75 -1.87
C VAL B 148 -23.54 -14.87 -1.79
N LEU B 149 -24.20 -14.49 -2.89
CA LEU B 149 -25.65 -14.52 -3.02
C LEU B 149 -26.09 -15.79 -3.74
N MET B 150 -27.39 -16.06 -3.70
CA MET B 150 -27.95 -17.29 -4.24
C MET B 150 -29.11 -16.98 -5.18
N THR B 151 -29.23 -17.79 -6.23
CA THR B 151 -30.31 -17.69 -7.19
C THR B 151 -31.33 -18.79 -6.95
N LEU B 152 -32.46 -18.68 -7.64
CA LEU B 152 -33.49 -19.71 -7.54
C LEU B 152 -32.97 -21.05 -8.06
N GLU B 153 -32.16 -21.01 -9.13
CA GLU B 153 -31.67 -22.22 -9.77
C GLU B 153 -30.61 -22.95 -8.94
N GLY B 154 -30.12 -22.36 -7.87
CA GLY B 154 -29.11 -22.98 -7.05
C GLY B 154 -27.68 -22.55 -7.31
N ASP B 155 -27.47 -21.44 -8.01
CA ASP B 155 -26.13 -20.97 -8.35
C ASP B 155 -25.68 -19.84 -7.43
N ILE B 156 -24.38 -19.58 -7.45
CA ILE B 156 -23.74 -18.55 -6.64
C ILE B 156 -23.44 -17.36 -7.53
N ARG B 157 -23.65 -16.16 -6.99
CA ARG B 157 -23.21 -14.91 -7.63
C ARG B 157 -22.36 -14.16 -6.62
N LEU B 158 -21.07 -14.04 -6.90
CA LEU B 158 -20.16 -13.38 -5.97
C LEU B 158 -20.31 -11.87 -6.06
N ALA B 159 -20.13 -11.21 -4.93
CA ALA B 159 -20.35 -9.77 -4.83
C ALA B 159 -19.29 -9.17 -3.91
N ASP B 160 -19.24 -7.83 -3.89
CA ASP B 160 -18.24 -7.10 -3.13
C ASP B 160 -18.82 -6.48 -1.87
N PHE B 161 -19.89 -5.69 -1.99
CA PHE B 161 -20.50 -4.97 -0.86
C PHE B 161 -19.52 -3.99 -0.23
N GLY B 162 -18.69 -3.36 -1.07
CA GLY B 162 -17.80 -2.32 -0.59
C GLY B 162 -16.94 -1.67 -1.66
N VAL B 163 -15.67 -1.43 -1.33
CA VAL B 163 -14.73 -0.78 -2.23
C VAL B 163 -13.38 -1.48 -2.11
N SER B 164 -13.43 -2.82 -2.10
CA SER B 164 -12.24 -3.65 -2.13
C SER B 164 -12.00 -4.01 -3.58
N ALA B 165 -11.33 -5.13 -3.83
CA ALA B 165 -11.00 -5.59 -5.18
C ALA B 165 -10.02 -4.61 -5.81
N LYS B 166 -8.73 -4.88 -5.65
CA LYS B 166 -7.68 -4.07 -6.22
C LYS B 166 -7.27 -4.61 -7.59
N ASN B 167 -6.72 -3.72 -8.40
CA ASN B 167 -6.27 -4.01 -9.77
C ASN B 167 -7.46 -4.21 -10.69
CA ILE B 178 8.24 4.11 -4.83
C ILE B 178 9.60 4.71 -4.46
N GLY B 179 10.50 3.86 -3.97
CA GLY B 179 11.80 4.30 -3.52
C GLY B 179 12.93 3.59 -4.25
N THR B 180 14.16 3.94 -3.85
CA THR B 180 15.36 3.40 -4.49
C THR B 180 15.61 1.97 -4.00
N PRO B 181 16.03 1.07 -4.88
CA PRO B 181 16.09 -0.36 -4.51
C PRO B 181 17.11 -0.71 -3.44
N TYR B 182 18.34 -0.20 -3.57
CA TYR B 182 19.42 -0.61 -2.68
C TYR B 182 19.14 -0.23 -1.23
N TRP B 183 18.57 0.95 -1.01
CA TRP B 183 18.33 1.49 0.34
C TRP B 183 16.97 1.12 0.91
N MET B 184 16.36 0.03 0.47
CA MET B 184 15.04 -0.31 0.95
C MET B 184 15.11 -1.34 2.06
N ALA B 185 14.04 -1.42 2.82
CA ALA B 185 13.98 -2.28 3.98
C ALA B 185 13.33 -3.61 3.62
N PRO B 186 13.46 -4.62 4.48
CA PRO B 186 12.82 -5.91 4.18
C PRO B 186 11.31 -5.84 4.10
N GLU B 187 10.67 -5.14 5.03
CA GLU B 187 9.21 -5.05 5.03
C GLU B 187 8.69 -4.38 3.76
N VAL B 188 9.45 -3.45 3.19
CA VAL B 188 8.98 -2.72 2.02
C VAL B 188 8.92 -3.62 0.79
N VAL B 189 9.89 -4.53 0.63
CA VAL B 189 9.87 -5.41 -0.53
C VAL B 189 8.70 -6.40 -0.44
N MET B 190 8.42 -6.90 0.77
CA MET B 190 7.29 -7.82 0.94
C MET B 190 5.96 -7.11 0.71
N CYS B 191 5.77 -5.96 1.36
CA CYS B 191 4.50 -5.26 1.22
C CYS B 191 4.32 -4.68 -0.18
N GLU B 192 5.39 -4.22 -0.81
CA GLU B 192 5.33 -3.60 -2.13
C GLU B 192 6.09 -4.48 -3.12
N THR B 193 5.33 -5.14 -4.00
CA THR B 193 5.90 -6.03 -5.02
C THR B 193 6.77 -7.12 -4.39
N PRO B 198 2.22 -11.54 -8.87
CA PRO B 198 2.72 -12.90 -9.16
C PRO B 198 2.28 -13.92 -8.11
N TYR B 199 2.55 -13.63 -6.83
CA TYR B 199 2.09 -14.48 -5.73
C TYR B 199 1.28 -13.67 -4.72
N ASP B 200 0.64 -12.60 -5.16
CA ASP B 200 -0.18 -11.78 -4.28
C ASP B 200 -1.63 -12.21 -4.26
N TYR B 201 -1.97 -13.27 -5.01
CA TYR B 201 -3.34 -13.77 -5.08
C TYR B 201 -3.68 -14.73 -3.95
N LYS B 202 -2.71 -15.10 -3.11
CA LYS B 202 -2.94 -16.13 -2.11
C LYS B 202 -3.79 -15.66 -0.94
N ALA B 203 -4.05 -14.35 -0.83
CA ALA B 203 -4.91 -13.86 0.24
C ALA B 203 -6.34 -14.36 0.09
N ASP B 204 -6.88 -14.28 -1.13
CA ASP B 204 -8.24 -14.77 -1.38
C ASP B 204 -8.36 -16.25 -1.08
N ILE B 205 -7.31 -17.03 -1.39
CA ILE B 205 -7.34 -18.47 -1.11
C ILE B 205 -7.49 -18.71 0.40
N TRP B 206 -6.77 -17.94 1.22
CA TRP B 206 -6.93 -18.08 2.66
C TRP B 206 -8.33 -17.70 3.10
N SER B 207 -8.83 -16.56 2.63
CA SER B 207 -10.18 -16.12 2.98
C SER B 207 -11.22 -17.14 2.57
N LEU B 208 -11.00 -17.83 1.45
CA LEU B 208 -11.92 -18.88 1.04
C LEU B 208 -11.92 -20.01 2.05
N GLY B 209 -10.75 -20.42 2.53
CA GLY B 209 -10.68 -21.47 3.53
C GLY B 209 -11.40 -21.10 4.81
N ILE B 210 -11.37 -19.81 5.18
CA ILE B 210 -12.08 -19.38 6.38
C ILE B 210 -13.58 -19.40 6.14
N THR B 211 -14.01 -19.06 4.92
CA THR B 211 -15.44 -19.03 4.61
C THR B 211 -16.05 -20.44 4.68
N LEU B 212 -15.30 -21.46 4.27
CA LEU B 212 -15.81 -22.83 4.38
C LEU B 212 -16.08 -23.19 5.84
N ILE B 213 -15.16 -22.83 6.75
CA ILE B 213 -15.40 -23.04 8.17
C ILE B 213 -16.57 -22.19 8.64
N GLU B 214 -16.70 -20.98 8.09
CA GLU B 214 -17.84 -20.12 8.45
C GLU B 214 -19.16 -20.75 8.05
N MET B 215 -19.25 -21.26 6.82
CA MET B 215 -20.50 -21.87 6.38
C MET B 215 -20.78 -23.18 7.10
N ALA B 216 -19.73 -23.88 7.56
CA ALA B 216 -19.95 -25.12 8.28
C ALA B 216 -20.41 -24.87 9.72
N GLN B 217 -19.79 -23.91 10.41
CA GLN B 217 -20.04 -23.67 11.83
C GLN B 217 -20.70 -22.32 12.08
N ILE B 218 -21.35 -21.74 11.07
CA ILE B 218 -22.10 -20.49 11.14
C ILE B 218 -21.16 -19.29 11.36
N GLU B 219 -20.37 -19.33 12.43
CA GLU B 219 -19.54 -18.18 12.75
C GLU B 219 -18.07 -18.43 12.41
N PRO B 220 -17.34 -17.40 12.01
CA PRO B 220 -15.93 -17.58 11.64
C PRO B 220 -15.07 -17.85 12.86
N PRO B 221 -13.83 -18.33 12.67
CA PRO B 221 -12.97 -18.60 13.83
C PRO B 221 -12.66 -17.35 14.63
N HIS B 222 -12.51 -17.53 15.94
CA HIS B 222 -12.20 -16.45 16.88
C HIS B 222 -13.25 -15.35 16.81
N HIS B 223 -14.53 -15.74 16.73
CA HIS B 223 -15.61 -14.76 16.68
C HIS B 223 -15.97 -14.19 18.04
N GLU B 224 -15.49 -14.79 19.14
CA GLU B 224 -15.74 -14.22 20.46
C GLU B 224 -14.99 -12.90 20.62
N LEU B 225 -13.85 -12.75 19.97
CA LEU B 225 -13.00 -11.58 20.13
C LEU B 225 -13.54 -10.40 19.33
N ASN B 226 -13.12 -9.20 19.75
CA ASN B 226 -13.41 -7.97 19.04
C ASN B 226 -12.41 -7.76 17.90
N PRO B 227 -12.75 -6.93 16.91
CA PRO B 227 -11.89 -6.84 15.71
C PRO B 227 -10.44 -6.47 15.98
N MET B 228 -10.16 -5.66 17.01
CA MET B 228 -8.78 -5.28 17.28
C MET B 228 -7.95 -6.47 17.77
N ARG B 229 -8.51 -7.28 18.68
CA ARG B 229 -7.72 -8.35 19.29
C ARG B 229 -7.49 -9.52 18.33
N VAL B 230 -8.44 -9.79 17.42
CA VAL B 230 -8.32 -10.97 16.57
C VAL B 230 -7.09 -10.88 15.68
N LEU B 231 -6.74 -9.66 15.24
CA LEU B 231 -5.59 -9.49 14.35
C LEU B 231 -4.32 -10.05 14.97
N LEU B 232 -4.06 -9.72 16.24
CA LEU B 232 -2.92 -10.31 16.94
C LEU B 232 -3.15 -11.80 17.17
N LYS B 233 -4.39 -12.21 17.44
CA LYS B 233 -4.69 -13.61 17.71
C LYS B 233 -4.43 -14.48 16.49
N ILE B 234 -4.72 -13.97 15.28
CA ILE B 234 -4.54 -14.74 14.06
C ILE B 234 -3.07 -15.09 13.83
N ALA B 235 -2.17 -14.11 13.99
CA ALA B 235 -0.79 -14.28 13.55
C ALA B 235 -0.07 -15.37 14.34
N LYS B 236 -0.07 -15.27 15.67
CA LYS B 236 0.66 -16.23 16.49
C LYS B 236 0.05 -17.63 16.43
N SER B 237 -1.28 -17.71 16.35
CA SER B 237 -1.99 -18.98 16.49
C SER B 237 -1.75 -19.93 15.32
N ASP B 238 -2.02 -21.21 15.60
CA ASP B 238 -2.00 -22.25 14.59
C ASP B 238 -3.19 -22.11 13.65
N PRO B 239 -3.08 -22.63 12.43
CA PRO B 239 -4.18 -22.53 11.47
C PRO B 239 -5.45 -23.14 12.04
N PRO B 240 -6.61 -22.52 11.83
CA PRO B 240 -7.84 -23.03 12.45
C PRO B 240 -8.31 -24.31 11.77
N THR B 241 -9.05 -25.11 12.55
CA THR B 241 -9.64 -26.35 12.06
C THR B 241 -11.08 -26.44 12.53
N LEU B 242 -11.81 -27.38 11.94
CA LEU B 242 -13.19 -27.60 12.33
C LEU B 242 -13.26 -28.19 13.74
N LEU B 243 -14.36 -27.90 14.44
CA LEU B 243 -14.50 -28.32 15.82
C LEU B 243 -14.71 -29.83 15.93
N THR B 244 -15.70 -30.35 15.20
CA THR B 244 -16.06 -31.77 15.26
C THR B 244 -15.40 -32.50 14.10
N PRO B 245 -14.25 -33.15 14.32
CA PRO B 245 -13.55 -33.76 13.17
C PRO B 245 -14.23 -34.99 12.63
N SER B 246 -15.13 -35.62 13.41
CA SER B 246 -15.83 -36.81 12.95
C SER B 246 -16.87 -36.49 11.88
N LYS B 247 -17.62 -35.39 12.08
CA LYS B 247 -18.78 -35.10 11.22
C LYS B 247 -18.37 -34.87 9.77
N TRP B 248 -17.23 -34.23 9.55
CA TRP B 248 -16.80 -33.87 8.21
C TRP B 248 -15.80 -34.90 7.67
N SER B 249 -15.68 -34.94 6.35
CA SER B 249 -14.84 -35.94 5.72
C SER B 249 -13.36 -35.60 5.90
N VAL B 250 -12.52 -36.60 5.61
CA VAL B 250 -11.08 -36.38 5.64
C VAL B 250 -10.64 -35.48 4.49
N GLU B 251 -11.27 -35.63 3.32
CA GLU B 251 -10.96 -34.74 2.20
C GLU B 251 -11.36 -33.30 2.49
N PHE B 252 -12.44 -33.09 3.24
CA PHE B 252 -12.76 -31.74 3.70
C PHE B 252 -11.65 -31.20 4.59
N ARG B 253 -11.24 -31.99 5.59
CA ARG B 253 -10.17 -31.55 6.49
C ARG B 253 -8.88 -31.33 5.72
N ASP B 254 -8.57 -32.20 4.76
CA ASP B 254 -7.36 -32.04 3.96
C ASP B 254 -7.43 -30.78 3.11
N PHE B 255 -8.60 -30.52 2.50
CA PHE B 255 -8.75 -29.32 1.67
C PHE B 255 -8.62 -28.06 2.53
N LEU B 256 -9.18 -28.08 3.73
CA LEU B 256 -9.00 -26.95 4.65
C LEU B 256 -7.55 -26.79 5.06
N ALA B 257 -6.88 -27.89 5.39
CA ALA B 257 -5.51 -27.81 5.85
C ALA B 257 -4.58 -27.26 4.78
N ILE B 258 -4.76 -27.69 3.53
CA ILE B 258 -3.92 -27.19 2.45
C ILE B 258 -4.26 -25.73 2.14
N ALA B 259 -5.55 -25.37 2.24
CA ALA B 259 -5.95 -23.99 1.96
C ALA B 259 -5.49 -23.05 3.06
N LEU B 260 -5.57 -23.48 4.32
CA LEU B 260 -5.18 -22.63 5.45
C LEU B 260 -3.70 -22.85 5.74
N ASP B 261 -2.87 -22.20 4.93
CA ASP B 261 -1.42 -22.23 5.09
C ASP B 261 -0.94 -20.79 5.20
N LYS B 262 -0.19 -20.49 6.27
CA LYS B 262 0.24 -19.13 6.51
C LYS B 262 1.22 -18.63 5.46
N ASN B 263 2.04 -19.54 4.92
CA ASN B 263 3.11 -19.12 4.00
C ASN B 263 2.54 -18.89 2.61
N PRO B 264 2.60 -17.66 2.08
CA PRO B 264 2.00 -17.40 0.76
C PRO B 264 2.70 -18.14 -0.38
N GLU B 265 4.02 -18.29 -0.32
CA GLU B 265 4.74 -18.94 -1.41
C GLU B 265 4.27 -20.37 -1.60
N THR B 266 4.01 -21.09 -0.50
CA THR B 266 3.56 -22.47 -0.58
C THR B 266 2.05 -22.60 -0.78
N ARG B 267 1.29 -21.52 -0.57
CA ARG B 267 -0.17 -21.63 -0.66
C ARG B 267 -0.59 -22.00 -2.08
N PRO B 268 -1.46 -22.99 -2.24
CA PRO B 268 -1.89 -23.38 -3.59
C PRO B 268 -2.81 -22.34 -4.21
N SER B 269 -2.78 -22.28 -5.53
CA SER B 269 -3.61 -21.33 -6.26
C SER B 269 -5.04 -21.87 -6.38
N ALA B 270 -5.91 -21.09 -7.02
CA ALA B 270 -7.28 -21.53 -7.26
C ALA B 270 -7.28 -22.71 -8.23
N ALA B 271 -6.44 -22.65 -9.26
CA ALA B 271 -6.40 -23.72 -10.25
C ALA B 271 -5.99 -25.05 -9.63
N GLN B 272 -5.02 -25.03 -8.71
CA GLN B 272 -4.59 -26.28 -8.09
C GLN B 272 -5.71 -26.91 -7.27
N LEU B 273 -6.45 -26.09 -6.51
CA LEU B 273 -7.56 -26.64 -5.73
C LEU B 273 -8.72 -27.13 -6.59
N LEU B 274 -8.84 -26.65 -7.83
CA LEU B 274 -9.89 -27.18 -8.69
C LEU B 274 -9.66 -28.66 -8.96
N GLU B 275 -8.39 -29.07 -9.10
CA GLU B 275 -8.04 -30.48 -9.26
C GLU B 275 -7.80 -31.14 -7.90
N HIS B 276 -8.80 -31.04 -7.03
CA HIS B 276 -8.74 -31.65 -5.71
C HIS B 276 -10.03 -32.44 -5.49
N PRO B 277 -9.94 -33.66 -4.95
CA PRO B 277 -11.14 -34.52 -4.86
C PRO B 277 -12.31 -33.88 -4.12
N PHE B 278 -12.05 -32.94 -3.22
CA PHE B 278 -13.14 -32.28 -2.51
C PHE B 278 -14.12 -31.58 -3.45
N VAL B 279 -13.64 -31.10 -4.61
CA VAL B 279 -14.49 -30.41 -5.56
C VAL B 279 -14.29 -30.88 -7.00
N SER B 280 -13.37 -31.80 -7.26
CA SER B 280 -13.10 -32.17 -8.65
C SER B 280 -14.22 -32.99 -9.29
N SER B 281 -15.01 -33.70 -8.49
CA SER B 281 -16.05 -34.60 -9.00
C SER B 281 -17.46 -34.05 -8.78
N ILE B 282 -17.63 -32.73 -8.84
CA ILE B 282 -18.92 -32.10 -8.61
C ILE B 282 -19.55 -31.78 -9.96
N THR B 283 -20.73 -32.34 -10.21
CA THR B 283 -21.45 -32.12 -11.47
C THR B 283 -22.85 -31.54 -11.30
N SER B 284 -23.40 -31.51 -10.09
CA SER B 284 -24.77 -31.05 -9.88
C SER B 284 -24.82 -30.02 -8.77
N ASN B 285 -25.71 -29.03 -8.93
CA ASN B 285 -25.99 -28.03 -7.91
C ASN B 285 -27.29 -28.33 -7.16
N LYS B 286 -27.73 -29.59 -7.16
CA LYS B 286 -28.99 -29.94 -6.54
C LYS B 286 -29.01 -29.63 -5.04
N ALA B 287 -27.90 -29.88 -4.37
CA ALA B 287 -27.84 -29.63 -2.93
C ALA B 287 -28.10 -28.17 -2.59
N LEU B 288 -27.52 -27.25 -3.37
CA LEU B 288 -27.78 -25.83 -3.15
C LEU B 288 -29.20 -25.46 -3.55
N ARG B 289 -29.72 -26.09 -4.62
CA ARG B 289 -31.07 -25.81 -5.06
C ARG B 289 -32.09 -26.15 -3.97
N GLU B 290 -31.86 -27.26 -3.26
CA GLU B 290 -32.71 -27.63 -2.14
C GLU B 290 -32.67 -26.58 -1.03
N LEU B 291 -31.48 -26.04 -0.74
CA LEU B 291 -31.35 -25.06 0.34
C LEU B 291 -32.15 -23.80 0.07
N VAL B 292 -32.10 -23.29 -1.16
CA VAL B 292 -32.80 -22.05 -1.48
C VAL B 292 -34.31 -22.23 -1.35
N ALA B 293 -34.83 -23.38 -1.81
CA ALA B 293 -36.26 -23.65 -1.67
C ALA B 293 -36.63 -23.79 -0.19
N GLU B 294 -35.76 -24.44 0.59
CA GLU B 294 -36.02 -24.60 2.02
C GLU B 294 -36.05 -23.25 2.73
N ALA B 295 -35.05 -22.41 2.47
CA ALA B 295 -35.01 -21.08 3.08
C ALA B 295 -36.20 -20.24 2.63
N LYS B 296 -36.56 -20.35 1.36
CA LYS B 296 -37.71 -19.61 0.84
C LYS B 296 -39.00 -19.96 1.58
N ALA B 297 -39.17 -21.25 1.92
CA ALA B 297 -40.37 -21.67 2.62
C ALA B 297 -40.40 -21.14 4.05
N GLU B 298 -39.26 -21.15 4.75
CA GLU B 298 -39.22 -20.71 6.13
C GLU B 298 -39.59 -19.23 6.28
N VAL B 299 -39.32 -18.42 5.26
CA VAL B 299 -39.65 -17.00 5.32
C VAL B 299 -41.15 -16.80 5.49
N MET B 300 -41.97 -17.67 4.90
CA MET B 300 -43.42 -17.51 4.96
C MET B 300 -44.01 -17.81 6.34
N GLU B 301 -43.27 -18.48 7.23
CA GLU B 301 -43.83 -18.92 8.49
C GLU B 301 -44.34 -17.76 9.33
N GLU B 302 -45.61 -17.84 9.73
CA GLU B 302 -46.26 -16.82 10.55
C GLU B 302 -47.57 -17.38 11.08
C1 88Z C . 22.70 20.97 -6.37
C2 88Z C . 23.52 21.91 -5.68
C3 88Z C . 22.95 22.72 -4.74
C4 88Z C . 21.59 22.62 -4.41
C5 88Z C . 20.79 21.68 -5.10
C6 88Z C . 21.38 20.86 -6.09
N7 88Z C . 21.13 23.35 -3.35
C8 88Z C . 19.89 23.11 -2.95
C9 88Z C . 19.03 22.18 -3.51
C10 88Z C . 19.48 21.47 -4.59
O11 88Z C . 23.37 20.22 -7.31
C12 88Z C . 22.61 19.28 -8.05
O13 88Z C . 24.84 21.88 -6.03
O14 88Z C . 18.71 20.49 -5.21
C15 88Z C . 17.45 20.18 -4.71
C16 88Z C . 17.33 19.39 -3.58
C17 88Z C . 16.09 19.04 -3.09
C18 88Z C . 14.95 19.47 -3.73
C19 88Z C . 15.05 20.25 -4.89
C20 88Z C . 16.29 20.60 -5.34
F21 88Z C . 16.41 21.41 -6.42
N22 88Z C . 13.73 19.09 -3.11
C23 88Z C . 25.72 22.80 -5.37
C24 88Z C . 27.13 22.39 -5.66
C25 88Z C . 27.47 22.43 -7.14
N26 88Z C . 28.88 22.16 -7.44
C27 88Z C . 29.14 20.72 -7.52
C28 88Z C . 30.59 20.47 -7.82
O29 88Z C . 30.99 21.10 -9.04
C30 88Z C . 30.74 22.49 -8.98
C31 88Z C . 29.29 22.79 -8.70
C32 88Z C . 12.45 19.38 -3.44
C33 88Z C . 11.47 18.86 -2.42
C34 88Z C . 12.08 18.28 -1.17
N35 88Z C . 11.23 18.04 -0.15
O36 88Z C . 12.10 20.00 -4.43
O37 88Z C . 13.29 18.06 -1.15
C38 88Z C . 11.52 17.41 1.08
C39 88Z C . 12.77 17.53 1.68
C40 88Z C . 13.05 16.86 2.86
C41 88Z C . 12.07 16.10 3.42
C42 88Z C . 10.82 15.96 2.87
C43 88Z C . 10.55 16.63 1.69
F44 88Z C . 12.35 15.41 4.57
C45 88Z C . 10.24 18.10 -2.94
C46 88Z C . 10.06 19.45 -2.38
C1 88Z D . -30.01 -8.67 -1.18
C2 88Z D . -30.88 -9.51 -1.91
C3 88Z D . -30.79 -9.58 -3.27
C4 88Z D . -29.81 -8.84 -3.96
C5 88Z D . -28.94 -8.00 -3.23
C6 88Z D . -29.06 -7.93 -1.82
N7 88Z D . -29.64 -9.10 -5.30
C8 88Z D . -28.58 -8.57 -5.89
C9 88Z D . -27.64 -7.76 -5.27
C10 88Z D . -27.82 -7.47 -3.94
O11 88Z D . -30.19 -8.69 0.17
C12 88Z D . -29.35 -7.85 0.96
O13 88Z D . -31.76 -10.21 -1.13
O14 88Z D . -26.94 -6.67 -3.22
C15 88Z D . -25.80 -6.18 -3.85
C16 88Z D . -24.70 -7.02 -3.96
C17 88Z D . -23.52 -6.54 -4.51
C18 88Z D . -23.45 -5.23 -4.98
C19 88Z D . -24.56 -4.40 -4.87
C20 88Z D . -25.71 -4.90 -4.33
F21 88Z D . -26.80 -4.10 -4.23
N22 88Z D . -22.17 -4.86 -5.49
C23 88Z D . -32.68 -11.09 -1.80
C24 88Z D . -33.46 -11.85 -0.75
C25 88Z D . -34.20 -10.94 0.20
N26 88Z D . -35.08 -11.65 1.15
C27 88Z D . -34.38 -12.80 1.75
C28 88Z D . -35.30 -13.51 2.72
O29 88Z D . -35.77 -12.63 3.74
C30 88Z D . -36.44 -11.51 3.16
C31 88Z D . -35.54 -10.76 2.21
C32 88Z D . -21.79 -3.76 -6.18
C33 88Z D . -20.34 -3.85 -6.60
C34 88Z D . -19.76 -5.24 -6.54
N35 88Z D . -18.70 -5.48 -7.33
O36 88Z D . -22.50 -2.80 -6.44
O37 88Z D . -20.26 -6.07 -5.80
C38 88Z D . -17.98 -6.69 -7.42
C39 88Z D . -18.65 -7.90 -7.60
C40 88Z D . -17.95 -9.09 -7.68
C41 88Z D . -16.60 -9.05 -7.58
C42 88Z D . -15.89 -7.89 -7.41
C43 88Z D . -16.59 -6.70 -7.34
F44 88Z D . -15.90 -10.21 -7.66
C45 88Z D . -19.42 -2.72 -6.16
C46 88Z D . -19.80 -2.83 -7.60
#